data_7NI9
#
_entry.id   7NI9
#
_cell.length_a   63.910
_cell.length_b   63.910
_cell.length_c   225.170
_cell.angle_alpha   90.000
_cell.angle_beta   90.000
_cell.angle_gamma   120.000
#
_symmetry.space_group_name_H-M   'P 32 2 1'
#
loop_
_entity.id
_entity.type
_entity.pdbx_description
1 polymer 'N6-adenosine-methyltransferase catalytic subunit'
2 polymer 'N6-adenosine-methyltransferase non-catalytic subunit'
3 non-polymer N-(((R)-1-(6-(benzylamino)pyrimidin-4-yl)-3-hydroxypiperidin-3-yl)methyl)-4-(((S)-1-isopropyl-2-azaspiro[3.3]heptan-2-yl)methyl)benzamide
4 non-polymer 'ACETATE ION'
5 water water
#
loop_
_entity_poly.entity_id
_entity_poly.type
_entity_poly.pdbx_seq_one_letter_code
_entity_poly.pdbx_strand_id
1 'polypeptide(L)'
;MGHHHHHHSSGRENLYFQGALTQSVGGDSSADRLFPPQWICCDIRYLDVSILGKFAVVMADPPWDIHMELPYGTLTDDEM
RRLNIPVLQDDGFLFLWVTGRAMELGRECLNLWGYERVDEIIWVKTNQLQRIIRTGRTGHWLNHGKEHCLVGVKGNPQGF
NQGLDCDVIVAEVRSTSHKPDEIYGMIERLSPGTRKIELFGRPHNVQPNWITLGNQLDGIHLLDPDVVARFKQRYPDGII
SKPKNL
;
A
2 'polypeptide(L)'
;MLKGTQSLNPHNDYCQHFVDTGHRPQNFIRDVGLADRFEEYPKLRELIRLKDELIAKSNTPPMYLQADIEAFDIRELTPK
FDVILLEPPLEEYYRETGITANEKCWTWDDIMKLEIDEIAAPRSFIFLWCGSGEGLDLGRVCLRKWGYRRCEDICWIKTN
KNNPGKTKTLDPKAVFQRTKEHCLMGIKGTVKRSTDGDFIHANVDIDLIITEEPEIGNIEKPVEIFHIIEHFCLGRRRLH
LFGRDSTIRPGWLTVGPTLTNSNYNAETYASYFSAPNSYLTGCTEEIERL
;
B
#
# COMPACT_ATOMS: atom_id res chain seq x y z
N LEU A 34 -4.61 -30.19 -16.79
CA LEU A 34 -4.41 -31.32 -15.89
C LEU A 34 -4.16 -30.87 -14.46
N PHE A 35 -5.14 -31.15 -13.60
CA PHE A 35 -5.25 -30.54 -12.28
C PHE A 35 -4.03 -30.62 -11.37
N PRO A 36 -3.24 -31.70 -11.29
CA PRO A 36 -2.20 -31.78 -10.22
C PRO A 36 -1.03 -30.84 -10.47
N PRO A 37 -0.20 -30.58 -9.45
CA PRO A 37 0.86 -29.56 -9.60
C PRO A 37 1.80 -29.85 -10.76
N GLN A 38 2.22 -28.79 -11.46
CA GLN A 38 3.17 -28.89 -12.55
C GLN A 38 4.22 -27.78 -12.41
N TRP A 39 5.43 -28.04 -12.86
CA TRP A 39 6.46 -27.02 -12.74
C TRP A 39 7.55 -27.18 -13.81
N ILE A 40 8.35 -26.13 -13.96
CA ILE A 40 9.45 -26.07 -14.92
C ILE A 40 10.59 -25.33 -14.24
N CYS A 41 11.69 -26.03 -13.98
CA CYS A 41 12.94 -25.37 -13.62
C CYS A 41 13.49 -24.64 -14.85
N CYS A 42 13.71 -23.33 -14.73
CA CYS A 42 14.16 -22.55 -15.87
C CYS A 42 14.63 -21.18 -15.42
N ASP A 43 15.34 -20.50 -16.32
CA ASP A 43 15.57 -19.06 -16.21
C ASP A 43 14.38 -18.39 -16.86
N ILE A 44 13.58 -17.70 -16.06
CA ILE A 44 12.36 -17.13 -16.59
C ILE A 44 12.68 -16.05 -17.64
N ARG A 45 13.88 -15.46 -17.59
CA ARG A 45 14.28 -14.51 -18.64
C ARG A 45 14.27 -15.16 -20.02
N TYR A 46 14.64 -16.44 -20.10
CA TYR A 46 14.90 -17.07 -21.38
C TYR A 46 13.84 -18.07 -21.84
N LEU A 47 13.06 -18.66 -20.93
CA LEU A 47 12.02 -19.58 -21.36
C LEU A 47 11.02 -18.89 -22.28
N ASP A 48 10.63 -19.59 -23.34
CA ASP A 48 9.59 -19.15 -24.29
C ASP A 48 8.24 -19.49 -23.66
N VAL A 49 7.64 -18.50 -22.99
CA VAL A 49 6.43 -18.77 -22.23
C VAL A 49 5.22 -18.91 -23.13
N SER A 50 5.39 -18.74 -24.44
CA SER A 50 4.27 -18.89 -25.35
C SER A 50 3.75 -20.32 -25.38
N ILE A 51 4.59 -21.30 -25.02
CA ILE A 51 4.15 -22.70 -25.03
C ILE A 51 3.16 -23.03 -23.94
N LEU A 52 2.95 -22.15 -22.98
CA LEU A 52 2.22 -22.48 -21.77
C LEU A 52 0.71 -22.28 -21.89
N GLY A 53 0.25 -21.52 -22.88
CA GLY A 53 -1.17 -21.23 -23.01
C GLY A 53 -1.56 -19.99 -22.22
N LYS A 54 -2.87 -19.84 -21.98
CA LYS A 54 -3.42 -18.68 -21.32
C LYS A 54 -3.90 -19.03 -19.92
N PHE A 55 -3.80 -18.08 -19.00
CA PHE A 55 -4.08 -18.36 -17.59
C PHE A 55 -5.05 -17.35 -17.02
N ALA A 56 -5.95 -17.83 -16.14
CA ALA A 56 -6.89 -16.91 -15.52
C ALA A 56 -6.20 -16.04 -14.50
N VAL A 57 -5.14 -16.53 -13.88
CA VAL A 57 -4.45 -15.80 -12.83
C VAL A 57 -2.95 -15.99 -13.06
N VAL A 58 -2.20 -14.91 -12.97
CA VAL A 58 -0.75 -14.93 -12.89
C VAL A 58 -0.36 -14.40 -11.52
N MET A 59 0.55 -15.10 -10.84
CA MET A 59 1.25 -14.62 -9.66
C MET A 59 2.75 -14.58 -9.88
N ALA A 60 3.37 -13.48 -9.44
CA ALA A 60 4.81 -13.30 -9.51
C ALA A 60 5.34 -12.81 -8.17
N ASP A 61 6.46 -13.38 -7.74
CA ASP A 61 7.17 -12.92 -6.56
C ASP A 61 8.62 -12.68 -6.96
N PRO A 62 8.88 -11.58 -7.64
CA PRO A 62 10.16 -11.42 -8.35
C PRO A 62 11.30 -11.14 -7.38
N PRO A 63 12.52 -11.52 -7.75
CA PRO A 63 13.73 -11.06 -7.04
C PRO A 63 14.15 -9.66 -7.49
N TRP A 64 13.41 -8.66 -7.02
CA TRP A 64 13.66 -7.28 -7.42
C TRP A 64 15.05 -6.85 -7.00
N ASP A 65 15.73 -6.10 -7.88
CA ASP A 65 17.06 -5.54 -7.58
C ASP A 65 16.92 -4.30 -6.72
N ILE A 66 16.78 -4.51 -5.44
CA ILE A 66 16.61 -3.42 -4.50
C ILE A 66 17.81 -3.37 -3.57
N GLY A 73 20.38 -13.99 -7.29
CA GLY A 73 19.73 -14.26 -8.56
C GLY A 73 18.75 -13.19 -9.01
N THR A 74 19.05 -11.93 -8.70
CA THR A 74 18.12 -10.84 -8.97
C THR A 74 18.04 -10.55 -10.47
N LEU A 75 17.02 -9.78 -10.85
CA LEU A 75 16.82 -9.30 -12.20
C LEU A 75 16.94 -7.79 -12.19
N THR A 76 17.60 -7.25 -13.22
CA THR A 76 17.65 -5.81 -13.39
C THR A 76 16.28 -5.29 -13.74
N ASP A 77 16.09 -3.97 -13.54
CA ASP A 77 14.82 -3.36 -13.88
C ASP A 77 14.44 -3.62 -15.32
N ASP A 78 15.41 -3.56 -16.23
CA ASP A 78 15.07 -3.75 -17.64
C ASP A 78 14.65 -5.18 -17.91
N GLU A 79 15.26 -6.15 -17.22
CA GLU A 79 14.87 -7.55 -17.40
C GLU A 79 13.46 -7.78 -16.89
N MET A 80 13.13 -7.18 -15.74
CA MET A 80 11.74 -7.24 -15.27
C MET A 80 10.79 -6.63 -16.30
N ARG A 81 11.14 -5.45 -16.83
CA ARG A 81 10.27 -4.83 -17.83
C ARG A 81 10.09 -5.73 -19.03
N ARG A 82 11.14 -6.44 -19.43
CA ARG A 82 11.12 -7.18 -20.68
C ARG A 82 10.46 -8.56 -20.56
N LEU A 83 10.09 -9.01 -19.36
CA LEU A 83 9.48 -10.33 -19.21
C LEU A 83 8.23 -10.40 -20.07
N ASN A 84 8.04 -11.53 -20.75
CA ASN A 84 6.93 -11.63 -21.69
C ASN A 84 5.64 -11.97 -20.95
N ILE A 85 5.33 -11.21 -19.90
CA ILE A 85 4.03 -11.34 -19.23
C ILE A 85 2.85 -11.17 -20.17
N PRO A 86 2.87 -10.26 -21.16
CA PRO A 86 1.66 -10.04 -21.97
C PRO A 86 1.11 -11.27 -22.67
N VAL A 87 1.95 -12.24 -23.04
CA VAL A 87 1.43 -13.38 -23.80
C VAL A 87 0.65 -14.34 -22.90
N LEU A 88 0.84 -14.24 -21.58
CA LEU A 88 0.32 -15.23 -20.65
C LEU A 88 -1.18 -15.16 -20.41
N GLN A 89 -1.82 -14.01 -20.67
CA GLN A 89 -3.24 -13.87 -20.35
C GLN A 89 -3.95 -13.06 -21.42
N ASP A 90 -5.25 -13.32 -21.57
CA ASP A 90 -6.14 -12.44 -22.34
C ASP A 90 -7.12 -11.71 -21.45
N ASP A 91 -7.80 -12.41 -20.56
CA ASP A 91 -8.65 -11.78 -19.55
C ASP A 91 -8.37 -12.43 -18.21
N GLY A 92 -7.95 -11.62 -17.24
CA GLY A 92 -7.72 -12.18 -15.92
C GLY A 92 -6.90 -11.24 -15.07
N PHE A 93 -6.32 -11.82 -14.03
CA PHE A 93 -5.78 -11.06 -12.92
C PHE A 93 -4.30 -11.40 -12.71
N LEU A 94 -3.52 -10.38 -12.36
CA LEU A 94 -2.13 -10.53 -11.98
C LEU A 94 -1.96 -10.16 -10.51
N PHE A 95 -1.21 -10.99 -9.78
CA PHE A 95 -0.84 -10.74 -8.39
C PHE A 95 0.69 -10.59 -8.37
N LEU A 96 1.16 -9.41 -7.93
CA LEU A 96 2.57 -9.04 -8.07
C LEU A 96 3.13 -8.58 -6.73
N TRP A 97 3.94 -9.42 -6.08
CA TRP A 97 4.51 -9.03 -4.78
C TRP A 97 5.56 -7.94 -4.98
N VAL A 98 5.58 -6.97 -4.07
CA VAL A 98 6.47 -5.82 -4.18
C VAL A 98 6.98 -5.41 -2.79
N THR A 99 8.09 -4.67 -2.79
CA THR A 99 8.65 -4.15 -1.56
C THR A 99 9.60 -3.02 -1.92
N GLY A 100 9.87 -2.16 -0.94
CA GLY A 100 10.80 -1.07 -1.17
C GLY A 100 10.41 -0.32 -2.43
N ARG A 101 11.41 -0.04 -3.27
CA ARG A 101 11.16 0.74 -4.48
C ARG A 101 10.45 -0.05 -5.56
N ALA A 102 10.35 -1.37 -5.42
CA ALA A 102 9.52 -2.13 -6.31
C ALA A 102 8.05 -1.80 -6.14
N MET A 103 7.67 -1.12 -5.05
CA MET A 103 6.30 -0.61 -4.95
C MET A 103 5.99 0.29 -6.13
N GLU A 104 6.96 1.07 -6.58
CA GLU A 104 6.80 1.91 -7.73
C GLU A 104 7.19 1.19 -9.01
N LEU A 105 8.32 0.50 -8.98
CA LEU A 105 8.77 -0.25 -10.15
C LEU A 105 7.76 -1.32 -10.52
N GLY A 106 7.19 -2.00 -9.53
CA GLY A 106 6.19 -3.00 -9.83
C GLY A 106 4.96 -2.40 -10.49
N ARG A 107 4.55 -1.20 -10.05
CA ARG A 107 3.44 -0.53 -10.72
C ARG A 107 3.79 -0.23 -12.16
N GLU A 108 5.06 0.13 -12.41
CA GLU A 108 5.50 0.40 -13.77
C GLU A 108 5.40 -0.85 -14.65
N CYS A 109 5.93 -1.97 -14.16
CA CYS A 109 5.86 -3.20 -14.92
C CYS A 109 4.42 -3.61 -15.18
N LEU A 110 3.62 -3.58 -14.13
CA LEU A 110 2.20 -3.92 -14.22
C LEU A 110 1.54 -3.15 -15.36
N ASN A 111 1.75 -1.82 -15.39
CA ASN A 111 1.13 -1.00 -16.43
C ASN A 111 1.72 -1.30 -17.80
N LEU A 112 3.05 -1.41 -17.88
CA LEU A 112 3.72 -1.75 -19.14
C LEU A 112 3.22 -3.08 -19.69
N TRP A 113 3.02 -4.07 -18.81
CA TRP A 113 2.56 -5.38 -19.26
C TRP A 113 1.13 -5.38 -19.71
N GLY A 114 0.40 -4.27 -19.58
CA GLY A 114 -0.97 -4.19 -20.02
C GLY A 114 -2.02 -4.30 -18.92
N TYR A 115 -1.65 -4.15 -17.66
CA TYR A 115 -2.60 -4.31 -16.57
C TYR A 115 -2.95 -2.96 -15.96
N GLU A 116 -4.10 -2.94 -15.29
CA GLU A 116 -4.53 -1.83 -14.45
C GLU A 116 -4.57 -2.34 -13.01
N ARG A 117 -3.92 -1.63 -12.09
CA ARG A 117 -3.95 -2.05 -10.69
C ARG A 117 -5.31 -1.71 -10.09
N VAL A 118 -6.04 -2.72 -9.63
CA VAL A 118 -7.36 -2.52 -9.07
C VAL A 118 -7.47 -2.95 -7.61
N ASP A 119 -6.39 -3.45 -7.01
CA ASP A 119 -6.44 -3.83 -5.60
C ASP A 119 -5.01 -3.98 -5.11
N GLU A 120 -4.86 -3.97 -3.80
CA GLU A 120 -3.56 -4.14 -3.19
C GLU A 120 -3.76 -4.93 -1.91
N ILE A 121 -3.27 -6.15 -1.91
CA ILE A 121 -3.38 -7.00 -0.72
C ILE A 121 -2.21 -6.69 0.19
N ILE A 122 -2.44 -6.61 1.49
CA ILE A 122 -1.31 -6.61 2.41
C ILE A 122 -1.40 -7.83 3.31
N TRP A 123 -0.26 -8.46 3.51
CA TRP A 123 -0.14 -9.57 4.44
C TRP A 123 0.49 -9.02 5.72
N VAL A 124 -0.30 -8.96 6.80
CA VAL A 124 0.25 -8.61 8.11
C VAL A 124 0.94 -9.84 8.69
N LYS A 125 2.24 -9.74 8.93
CA LYS A 125 3.04 -10.84 9.43
C LYS A 125 2.94 -10.95 10.95
N THR A 126 2.57 -12.13 11.44
CA THR A 126 2.47 -12.42 12.87
C THR A 126 3.35 -13.59 13.24
N ASN A 127 3.47 -13.82 14.56
CA ASN A 127 4.03 -15.06 15.10
C ASN A 127 2.91 -16.06 15.35
N GLN A 128 3.17 -17.06 16.20
CA GLN A 128 2.16 -18.06 16.52
C GLN A 128 1.15 -17.55 17.55
N LEU A 129 1.47 -16.50 18.29
CA LEU A 129 0.53 -15.88 19.22
C LEU A 129 -0.22 -14.69 18.61
N GLN A 130 -0.24 -14.57 17.27
CA GLN A 130 -1.02 -13.54 16.56
C GLN A 130 -0.59 -12.12 16.92
N ARG A 131 0.70 -11.93 17.19
CA ARG A 131 1.26 -10.62 17.46
C ARG A 131 2.11 -10.22 16.25
N ILE A 132 2.12 -8.93 15.94
CA ILE A 132 2.79 -8.47 14.73
C ILE A 132 4.30 -8.60 14.89
N ILE A 133 4.95 -9.19 13.90
CA ILE A 133 6.40 -9.26 13.83
C ILE A 133 6.96 -7.91 13.40
N GLY A 139 13.43 0.54 3.93
CA GLY A 139 12.51 1.17 4.87
C GLY A 139 13.14 1.38 6.23
N HIS A 140 13.72 2.56 6.43
CA HIS A 140 14.48 2.87 7.63
C HIS A 140 13.81 3.93 8.50
N TRP A 141 12.58 4.34 8.18
CA TRP A 141 11.87 5.26 9.07
C TRP A 141 10.91 4.55 10.02
N LEU A 142 10.30 3.47 9.56
CA LEU A 142 9.35 2.70 10.35
C LEU A 142 9.72 1.23 10.27
N ASN A 143 9.36 0.50 11.32
CA ASN A 143 9.46 -0.95 11.23
C ASN A 143 8.34 -1.48 10.36
N HIS A 144 8.62 -2.57 9.66
CA HIS A 144 7.73 -3.10 8.64
C HIS A 144 6.94 -4.29 9.19
N GLY A 145 5.62 -4.13 9.30
CA GLY A 145 4.74 -5.19 9.74
C GLY A 145 4.07 -5.96 8.63
N LYS A 146 4.39 -5.68 7.37
CA LYS A 146 3.55 -6.17 6.28
C LYS A 146 4.37 -6.33 5.01
N GLU A 147 3.80 -7.09 4.07
CA GLU A 147 4.27 -7.17 2.70
C GLU A 147 3.11 -6.83 1.78
N HIS A 148 3.42 -6.33 0.60
CA HIS A 148 2.41 -5.86 -0.35
C HIS A 148 2.35 -6.76 -1.57
N CYS A 149 1.13 -6.99 -2.05
CA CYS A 149 0.90 -7.71 -3.30
C CYS A 149 -0.09 -6.91 -4.15
N LEU A 150 0.42 -6.32 -5.24
CA LEU A 150 -0.42 -5.59 -6.17
C LEU A 150 -1.34 -6.56 -6.90
N VAL A 151 -2.56 -6.10 -7.18
CA VAL A 151 -3.51 -6.88 -7.98
C VAL A 151 -3.84 -6.06 -9.22
N GLY A 152 -3.51 -6.62 -10.38
CA GLY A 152 -3.78 -5.98 -11.66
C GLY A 152 -4.79 -6.77 -12.48
N VAL A 153 -5.59 -6.06 -13.27
CA VAL A 153 -6.55 -6.70 -14.17
C VAL A 153 -6.18 -6.40 -15.61
N LYS A 154 -6.37 -7.40 -16.48
CA LYS A 154 -6.21 -7.30 -17.92
C LYS A 154 -7.50 -7.71 -18.60
N GLY A 155 -7.84 -7.04 -19.70
CA GLY A 155 -9.03 -7.41 -20.44
C GLY A 155 -10.27 -7.20 -19.60
N ASN A 156 -11.24 -8.12 -19.74
CA ASN A 156 -12.52 -8.05 -19.03
C ASN A 156 -12.88 -9.43 -18.48
N PRO A 157 -12.36 -9.79 -17.31
CA PRO A 157 -12.62 -11.14 -16.80
C PRO A 157 -14.08 -11.31 -16.40
N GLN A 158 -14.65 -12.45 -16.78
CA GLN A 158 -16.03 -12.79 -16.47
C GLN A 158 -16.07 -14.11 -15.72
N GLY A 159 -16.99 -14.21 -14.76
CA GLY A 159 -17.16 -15.42 -13.98
C GLY A 159 -16.28 -15.54 -12.77
N PHE A 160 -15.61 -14.48 -12.38
CA PHE A 160 -14.79 -14.51 -11.18
C PHE A 160 -15.65 -14.07 -10.01
N ASN A 161 -15.33 -14.59 -8.83
CA ASN A 161 -16.10 -14.31 -7.62
C ASN A 161 -15.46 -13.19 -6.83
N GLN A 162 -15.54 -11.99 -7.40
CA GLN A 162 -14.99 -10.82 -6.75
C GLN A 162 -15.78 -10.50 -5.48
N GLY A 163 -15.06 -10.07 -4.43
CA GLY A 163 -15.70 -9.66 -3.20
C GLY A 163 -15.80 -10.73 -2.14
N LEU A 164 -15.30 -11.93 -2.40
CA LEU A 164 -15.39 -13.00 -1.42
C LEU A 164 -14.40 -12.82 -0.29
N ASP A 165 -13.16 -12.46 -0.61
CA ASP A 165 -12.17 -12.22 0.43
C ASP A 165 -11.93 -10.72 0.57
N CYS A 166 -11.32 -10.33 1.68
CA CYS A 166 -10.88 -8.96 1.81
C CYS A 166 -9.37 -8.87 1.57
N ASP A 167 -8.88 -7.63 1.55
CA ASP A 167 -7.53 -7.37 1.09
C ASP A 167 -6.50 -7.39 2.21
N VAL A 168 -6.83 -7.97 3.35
CA VAL A 168 -5.84 -8.11 4.41
C VAL A 168 -5.65 -9.60 4.70
N ILE A 169 -4.39 -10.03 4.76
CA ILE A 169 -4.03 -11.39 5.18
C ILE A 169 -3.31 -11.28 6.51
N VAL A 170 -3.74 -12.08 7.48
CA VAL A 170 -3.06 -12.20 8.77
C VAL A 170 -2.60 -13.65 8.85
N ALA A 171 -1.28 -13.85 8.86
CA ALA A 171 -0.74 -15.20 8.79
C ALA A 171 0.68 -15.19 9.33
N GLU A 172 1.11 -16.35 9.80
CA GLU A 172 2.40 -16.49 10.45
C GLU A 172 3.52 -16.50 9.42
N VAL A 173 4.63 -15.82 9.74
CA VAL A 173 5.84 -15.95 8.93
C VAL A 173 6.33 -17.38 9.04
N ARG A 174 6.43 -18.06 7.90
CA ARG A 174 7.00 -19.41 7.91
C ARG A 174 8.52 -19.33 7.82
N SER A 175 9.03 -18.96 6.65
CA SER A 175 10.47 -18.93 6.42
C SER A 175 10.82 -17.65 5.67
N THR A 176 12.11 -17.48 5.42
CA THR A 176 12.59 -16.25 4.80
C THR A 176 12.10 -16.17 3.36
N SER A 177 11.26 -15.18 3.08
CA SER A 177 10.75 -14.86 1.75
C SER A 177 9.61 -15.79 1.34
N HIS A 178 9.11 -16.60 2.26
CA HIS A 178 8.07 -17.56 1.99
C HIS A 178 6.73 -16.83 2.11
N LYS A 179 6.00 -16.74 1.00
CA LYS A 179 4.68 -16.13 1.00
C LYS A 179 3.68 -17.00 1.75
N PRO A 180 2.60 -16.41 2.26
CA PRO A 180 1.60 -17.21 2.98
C PRO A 180 0.76 -18.02 2.02
N ASP A 181 0.46 -19.27 2.43
CA ASP A 181 -0.36 -20.14 1.60
C ASP A 181 -1.78 -19.64 1.45
N GLU A 182 -2.26 -18.81 2.38
CA GLU A 182 -3.59 -18.22 2.27
C GLU A 182 -3.86 -17.62 0.89
N ILE A 183 -2.83 -17.02 0.26
CA ILE A 183 -3.03 -16.38 -1.05
C ILE A 183 -3.60 -17.38 -2.07
N TYR A 184 -3.20 -18.66 -1.99
CA TYR A 184 -3.72 -19.63 -2.95
C TYR A 184 -5.21 -19.90 -2.73
N GLY A 185 -5.63 -19.94 -1.46
CA GLY A 185 -7.06 -20.08 -1.19
C GLY A 185 -7.88 -18.90 -1.68
N MET A 186 -7.38 -17.67 -1.45
CA MET A 186 -8.05 -16.49 -1.99
C MET A 186 -8.14 -16.54 -3.51
N ILE A 187 -7.08 -16.99 -4.17
CA ILE A 187 -7.10 -17.02 -5.63
C ILE A 187 -8.02 -18.12 -6.12
N GLU A 188 -8.00 -19.28 -5.44
CA GLU A 188 -8.90 -20.37 -5.82
C GLU A 188 -10.36 -19.97 -5.64
N ARG A 189 -10.71 -19.35 -4.53
CA ARG A 189 -12.09 -18.90 -4.40
C ARG A 189 -12.44 -17.85 -5.45
N LEU A 190 -11.48 -16.98 -5.80
CA LEU A 190 -11.76 -15.95 -6.79
C LEU A 190 -12.01 -16.55 -8.17
N SER A 191 -11.28 -17.62 -8.51
CA SER A 191 -11.30 -18.21 -9.85
C SER A 191 -11.18 -19.72 -9.71
N PRO A 192 -12.26 -20.39 -9.34
CA PRO A 192 -12.16 -21.83 -9.04
C PRO A 192 -11.97 -22.66 -10.30
N GLY A 193 -11.09 -23.65 -10.19
CA GLY A 193 -10.86 -24.62 -11.25
C GLY A 193 -10.09 -24.14 -12.46
N THR A 194 -9.79 -22.84 -12.57
CA THR A 194 -9.08 -22.32 -13.73
C THR A 194 -7.58 -22.59 -13.62
N ARG A 195 -6.88 -22.42 -14.74
CA ARG A 195 -5.44 -22.70 -14.73
C ARG A 195 -4.66 -21.43 -14.38
N LYS A 196 -3.60 -21.61 -13.61
CA LYS A 196 -2.88 -20.51 -12.99
C LYS A 196 -1.39 -20.74 -13.17
N ILE A 197 -0.63 -19.65 -13.11
CA ILE A 197 0.81 -19.77 -13.27
C ILE A 197 1.52 -18.85 -12.28
N GLU A 198 2.53 -19.39 -11.61
CA GLU A 198 3.37 -18.66 -10.67
C GLU A 198 4.78 -18.50 -11.25
N LEU A 199 5.31 -17.29 -11.19
CA LEU A 199 6.68 -16.99 -11.61
C LEU A 199 7.57 -16.75 -10.39
N PHE A 200 8.78 -17.30 -10.43
CA PHE A 200 9.76 -17.20 -9.36
C PHE A 200 9.31 -17.95 -8.12
N GLY A 201 8.59 -19.05 -8.32
CA GLY A 201 8.21 -19.89 -7.21
C GLY A 201 9.32 -20.86 -6.81
N ARG A 202 9.14 -21.47 -5.65
CA ARG A 202 10.07 -22.44 -5.13
C ARG A 202 9.31 -23.76 -4.98
N PRO A 203 10.00 -24.87 -4.68
CA PRO A 203 9.29 -26.16 -4.59
C PRO A 203 8.08 -26.15 -3.69
N HIS A 204 8.16 -25.50 -2.52
CA HIS A 204 7.01 -25.44 -1.63
C HIS A 204 5.83 -24.67 -2.23
N ASN A 205 6.03 -23.93 -3.31
CA ASN A 205 4.93 -23.17 -3.90
C ASN A 205 4.04 -24.00 -4.83
N VAL A 206 4.45 -25.20 -5.25
CA VAL A 206 3.68 -25.90 -6.27
C VAL A 206 2.32 -26.28 -5.71
N GLN A 207 1.29 -26.15 -6.53
CA GLN A 207 -0.09 -26.32 -6.09
C GLN A 207 -0.90 -26.91 -7.23
N PRO A 208 -2.00 -27.63 -6.94
CA PRO A 208 -2.86 -28.10 -8.04
C PRO A 208 -3.44 -26.91 -8.78
N ASN A 209 -3.71 -27.11 -10.06
CA ASN A 209 -4.16 -26.10 -11.01
C ASN A 209 -3.09 -25.05 -11.31
N TRP A 210 -1.89 -25.15 -10.74
CA TRP A 210 -0.84 -24.16 -10.94
C TRP A 210 0.32 -24.78 -11.71
N ILE A 211 0.91 -23.99 -12.59
CA ILE A 211 2.20 -24.28 -13.19
C ILE A 211 3.20 -23.33 -12.55
N THR A 212 4.27 -23.86 -11.97
CA THR A 212 5.23 -23.05 -11.24
C THR A 212 6.55 -22.95 -12.00
N LEU A 213 7.05 -21.74 -12.18
CA LEU A 213 8.34 -21.51 -12.82
C LEU A 213 9.31 -20.88 -11.81
N GLY A 214 10.56 -21.33 -11.87
CA GLY A 214 11.59 -20.90 -10.95
C GLY A 214 12.87 -21.65 -11.26
N ASN A 215 14.03 -21.08 -10.93
CA ASN A 215 15.29 -21.74 -11.20
C ASN A 215 15.77 -22.62 -10.05
N GLN A 216 14.97 -22.77 -8.99
CA GLN A 216 15.30 -23.66 -7.87
C GLN A 216 14.33 -24.84 -7.77
N LEU A 217 13.51 -25.05 -8.79
CA LEU A 217 12.68 -26.24 -8.83
C LEU A 217 13.52 -27.42 -9.31
N ASP A 218 12.95 -28.59 -9.22
CA ASP A 218 13.66 -29.82 -9.55
C ASP A 218 13.11 -30.33 -10.88
N GLY A 219 13.81 -30.04 -11.96
CA GLY A 219 13.43 -30.60 -13.24
C GLY A 219 12.17 -29.99 -13.84
N ILE A 220 11.62 -30.72 -14.81
CA ILE A 220 10.40 -30.35 -15.54
C ILE A 220 9.34 -31.39 -15.22
N HIS A 221 8.20 -30.95 -14.68
CA HIS A 221 7.10 -31.86 -14.38
C HIS A 221 5.82 -31.30 -15.00
N LEU A 222 5.49 -31.76 -16.21
CA LEU A 222 4.35 -31.26 -16.97
C LEU A 222 3.41 -32.41 -17.28
N LEU A 223 2.12 -32.20 -17.07
CA LEU A 223 1.12 -33.24 -17.24
C LEU A 223 0.01 -32.87 -18.19
N ASP A 224 -0.27 -31.57 -18.34
CA ASP A 224 -1.21 -31.08 -19.33
C ASP A 224 -0.76 -31.51 -20.73
N PRO A 225 -1.60 -32.24 -21.48
CA PRO A 225 -1.17 -32.73 -22.80
C PRO A 225 -0.80 -31.62 -23.78
N ASP A 226 -1.61 -30.56 -23.87
CA ASP A 226 -1.30 -29.44 -24.77
C ASP A 226 0.05 -28.82 -24.42
N VAL A 227 0.35 -28.69 -23.12
CA VAL A 227 1.62 -28.09 -22.70
C VAL A 227 2.78 -29.01 -23.06
N VAL A 228 2.66 -30.30 -22.76
CA VAL A 228 3.68 -31.30 -23.10
C VAL A 228 4.00 -31.24 -24.59
N ALA A 229 2.96 -31.26 -25.43
CA ALA A 229 3.15 -31.23 -26.88
C ALA A 229 3.91 -29.99 -27.32
N ARG A 230 3.41 -28.80 -26.94
CA ARG A 230 4.09 -27.57 -27.32
C ARG A 230 5.50 -27.51 -26.73
N PHE A 231 5.69 -28.04 -25.52
CA PHE A 231 7.04 -28.08 -24.96
C PHE A 231 7.97 -28.94 -25.81
N LYS A 232 7.51 -30.15 -26.15
CA LYS A 232 8.33 -31.03 -27.00
C LYS A 232 8.68 -30.36 -28.33
N GLN A 233 7.67 -29.78 -29.01
CA GLN A 233 7.90 -29.05 -30.26
C GLN A 233 8.97 -27.97 -30.10
N ARG A 234 8.82 -27.09 -29.09
CA ARG A 234 9.76 -25.99 -28.89
C ARG A 234 11.11 -26.46 -28.35
N TYR A 235 11.10 -27.52 -27.56
CA TYR A 235 12.29 -27.96 -26.83
C TYR A 235 12.49 -29.45 -27.06
N PRO A 236 12.80 -29.85 -28.30
CA PRO A 236 12.89 -31.28 -28.61
C PRO A 236 13.97 -32.01 -27.82
N ASP A 237 15.09 -31.34 -27.52
CA ASP A 237 16.16 -31.94 -26.74
C ASP A 237 16.04 -31.64 -25.25
N GLY A 238 14.95 -31.00 -24.82
CA GLY A 238 14.71 -30.79 -23.40
C GLY A 238 15.63 -29.80 -22.72
N ILE A 239 16.06 -28.75 -23.41
CA ILE A 239 16.99 -27.78 -22.86
C ILE A 239 16.49 -26.38 -23.21
N ILE A 240 16.62 -25.45 -22.27
CA ILE A 240 16.15 -24.08 -22.44
C ILE A 240 17.34 -23.15 -22.37
N SER A 241 17.57 -22.37 -23.44
CA SER A 241 18.84 -21.65 -23.60
C SER A 241 18.74 -20.15 -23.91
N LYS A 242 17.93 -19.79 -24.91
CA LYS A 242 17.83 -18.38 -25.31
C LYS A 242 16.46 -18.05 -25.90
N ASN B 12 -4.57 -22.05 11.35
CA ASN B 12 -5.83 -21.34 11.14
C ASN B 12 -5.74 -20.43 9.92
N ASP B 13 -6.73 -20.55 9.02
CA ASP B 13 -6.80 -19.73 7.81
C ASP B 13 -7.83 -18.64 8.06
N TYR B 14 -7.34 -17.45 8.41
CA TYR B 14 -8.27 -16.35 8.71
C TYR B 14 -8.96 -15.82 7.46
N CYS B 15 -8.40 -16.04 6.27
CA CYS B 15 -9.12 -15.67 5.05
C CYS B 15 -10.35 -16.55 4.87
N GLN B 16 -10.19 -17.87 5.02
CA GLN B 16 -11.33 -18.78 5.02
C GLN B 16 -12.32 -18.40 6.12
N HIS B 17 -11.80 -18.15 7.32
CA HIS B 17 -12.66 -17.73 8.43
C HIS B 17 -13.52 -16.53 8.06
N PHE B 18 -12.91 -15.52 7.41
CA PHE B 18 -13.70 -14.35 7.03
C PHE B 18 -14.79 -14.71 6.03
N VAL B 19 -14.47 -15.55 5.05
CA VAL B 19 -15.49 -16.03 4.12
C VAL B 19 -16.61 -16.73 4.88
N ASP B 20 -16.25 -17.54 5.88
CA ASP B 20 -17.25 -18.29 6.64
C ASP B 20 -18.09 -17.37 7.52
N THR B 21 -17.46 -16.42 8.21
CA THR B 21 -18.11 -15.69 9.30
C THR B 21 -18.30 -14.21 9.08
N GLY B 22 -17.53 -13.57 8.18
CA GLY B 22 -17.56 -12.14 8.03
C GLY B 22 -16.61 -11.38 8.95
N HIS B 23 -15.90 -12.09 9.83
CA HIS B 23 -14.88 -11.48 10.67
C HIS B 23 -13.59 -11.32 9.86
N ARG B 24 -13.23 -10.07 9.59
CA ARG B 24 -11.99 -9.76 8.90
C ARG B 24 -10.80 -10.36 9.64
N PRO B 25 -9.79 -10.85 8.91
CA PRO B 25 -8.60 -11.42 9.58
C PRO B 25 -7.98 -10.50 10.60
N GLN B 26 -8.00 -9.20 10.38
CA GLN B 26 -7.35 -8.28 11.31
C GLN B 26 -8.02 -8.26 12.67
N ASN B 27 -9.31 -8.67 12.75
CA ASN B 27 -9.99 -8.80 14.04
C ASN B 27 -9.24 -9.69 15.02
N PHE B 28 -8.35 -10.56 14.55
CA PHE B 28 -7.71 -11.52 15.43
C PHE B 28 -6.28 -11.18 15.77
N ILE B 29 -5.80 -10.01 15.35
CA ILE B 29 -4.47 -9.58 15.78
C ILE B 29 -4.51 -9.22 17.26
N ARG B 30 -3.57 -9.77 18.02
CA ARG B 30 -3.50 -9.52 19.45
C ARG B 30 -2.61 -8.31 19.74
N ASP B 31 -2.94 -7.62 20.83
CA ASP B 31 -2.14 -6.48 21.32
C ASP B 31 -2.11 -5.36 20.30
N VAL B 32 -3.28 -4.95 19.83
CA VAL B 32 -3.38 -3.97 18.74
C VAL B 32 -4.57 -3.03 18.87
N GLU B 46 11.42 0.33 26.12
CA GLU B 46 10.46 0.62 27.19
C GLU B 46 10.45 2.11 27.61
N LEU B 47 9.26 2.72 27.55
CA LEU B 47 9.00 4.11 27.93
C LEU B 47 9.49 5.10 26.88
N ILE B 48 8.75 5.21 25.78
CA ILE B 48 8.93 6.27 24.80
C ILE B 48 8.02 7.43 25.23
N ARG B 49 7.92 7.64 26.54
CA ARG B 49 7.05 8.66 27.10
C ARG B 49 7.77 9.95 27.45
N LEU B 50 9.07 9.90 27.71
CA LEU B 50 9.84 11.14 27.79
C LEU B 50 9.87 11.84 26.44
N LYS B 51 9.92 11.07 25.36
CA LYS B 51 9.83 11.66 24.02
C LYS B 51 8.50 12.37 23.84
N ASP B 52 7.40 11.71 24.22
CA ASP B 52 6.08 12.34 24.17
C ASP B 52 6.06 13.64 24.97
N GLU B 53 6.75 13.66 26.11
CA GLU B 53 6.77 14.86 26.94
C GLU B 53 7.56 15.99 26.29
N LEU B 54 8.70 15.65 25.68
CA LEU B 54 9.48 16.66 24.97
C LEU B 54 8.71 17.20 23.78
N ILE B 55 8.03 16.32 23.04
CA ILE B 55 7.16 16.79 21.96
C ILE B 55 6.13 17.77 22.49
N ALA B 56 5.50 17.43 23.62
CA ALA B 56 4.47 18.30 24.17
C ALA B 56 5.05 19.64 24.61
N LYS B 57 6.25 19.64 25.21
CA LYS B 57 6.84 20.91 25.61
C LYS B 57 7.27 21.73 24.40
N SER B 58 7.73 21.08 23.34
CA SER B 58 8.21 21.81 22.18
C SER B 58 7.08 22.37 21.31
N ASN B 59 5.87 21.80 21.43
CA ASN B 59 4.77 22.14 20.53
C ASN B 59 4.43 23.63 20.55
N THR B 60 4.33 24.21 19.36
CA THR B 60 3.75 25.53 19.19
C THR B 60 2.29 25.51 19.59
N PRO B 61 1.71 26.66 19.94
CA PRO B 61 0.27 26.72 20.16
C PRO B 61 -0.45 26.28 18.91
N PRO B 62 -1.60 25.63 19.05
CA PRO B 62 -2.36 25.25 17.86
C PRO B 62 -2.75 26.48 17.06
N MET B 63 -2.60 26.41 15.75
CA MET B 63 -3.05 27.49 14.90
C MET B 63 -3.86 26.89 13.74
N TYR B 64 -4.80 27.68 13.25
CA TYR B 64 -5.80 27.13 12.35
C TYR B 64 -6.35 28.26 11.50
N LEU B 65 -6.79 27.92 10.29
CA LEU B 65 -7.26 28.90 9.33
C LEU B 65 -8.37 28.27 8.49
N GLN B 66 -9.52 28.92 8.46
CA GLN B 66 -10.56 28.53 7.52
C GLN B 66 -10.18 29.05 6.14
N ALA B 67 -10.13 28.16 5.15
CA ALA B 67 -9.75 28.56 3.82
C ALA B 67 -10.30 27.54 2.83
N ASP B 68 -10.89 28.03 1.74
CA ASP B 68 -11.32 27.16 0.65
C ASP B 68 -10.11 26.91 -0.22
N ILE B 69 -9.48 25.74 -0.03
CA ILE B 69 -8.16 25.47 -0.60
C ILE B 69 -8.17 25.47 -2.13
N GLU B 70 -9.33 25.23 -2.75
CA GLU B 70 -9.38 25.31 -4.21
C GLU B 70 -9.17 26.75 -4.69
N ALA B 71 -9.68 27.72 -3.93
CA ALA B 71 -9.65 29.14 -4.29
C ALA B 71 -8.50 29.89 -3.63
N PHE B 72 -7.73 29.21 -2.80
CA PHE B 72 -6.82 29.87 -1.87
C PHE B 72 -5.42 29.84 -2.46
N ASP B 73 -4.77 31.01 -2.52
CA ASP B 73 -3.37 31.03 -2.94
C ASP B 73 -2.54 30.40 -1.83
N ILE B 74 -2.06 29.18 -2.07
CA ILE B 74 -1.40 28.40 -1.03
C ILE B 74 -0.11 29.08 -0.57
N ARG B 75 0.51 29.88 -1.44
CA ARG B 75 1.75 30.55 -1.05
C ARG B 75 1.56 31.48 0.13
N GLU B 76 0.33 31.87 0.45
CA GLU B 76 0.08 32.73 1.61
C GLU B 76 0.46 32.05 2.92
N LEU B 77 0.62 30.73 2.92
CA LEU B 77 0.95 29.97 4.11
C LEU B 77 2.46 29.94 4.24
N THR B 78 2.99 30.66 5.21
CA THR B 78 4.43 30.69 5.45
C THR B 78 4.69 30.53 6.94
N PRO B 79 5.92 30.15 7.33
CA PRO B 79 7.08 29.85 6.47
C PRO B 79 6.94 28.50 5.77
N LYS B 80 8.01 27.97 5.20
CA LYS B 80 7.93 26.67 4.57
C LYS B 80 7.84 25.58 5.63
N PHE B 81 7.16 24.49 5.31
CA PHE B 81 6.79 23.51 6.32
C PHE B 81 7.76 22.34 6.35
N ASP B 82 8.04 21.85 7.55
CA ASP B 82 8.83 20.65 7.70
C ASP B 82 8.01 19.40 7.44
N VAL B 83 6.73 19.44 7.79
CA VAL B 83 5.84 18.29 7.67
C VAL B 83 4.52 18.78 7.10
N ILE B 84 4.01 18.07 6.10
CA ILE B 84 2.70 18.36 5.55
C ILE B 84 1.87 17.09 5.63
N LEU B 85 0.70 17.19 6.24
CA LEU B 85 -0.26 16.10 6.31
C LEU B 85 -1.43 16.52 5.43
N LEU B 86 -1.74 15.70 4.45
CA LEU B 86 -2.65 16.12 3.39
C LEU B 86 -3.78 15.10 3.36
N GLU B 87 -4.98 15.57 3.63
CA GLU B 87 -6.12 14.72 3.90
C GLU B 87 -7.31 15.13 3.04
N PRO B 88 -7.13 15.17 1.72
CA PRO B 88 -8.21 15.65 0.84
C PRO B 88 -9.43 14.76 0.94
N PRO B 89 -10.62 15.34 0.98
CA PRO B 89 -11.83 14.52 1.15
C PRO B 89 -12.25 13.81 -0.14
N LEU B 90 -11.83 12.55 -0.29
CA LEU B 90 -12.10 11.78 -1.50
C LEU B 90 -13.56 11.33 -1.56
N GLU B 91 -14.05 11.18 -2.80
CA GLU B 91 -15.40 10.68 -3.02
C GLU B 91 -15.62 9.34 -2.33
N GLU B 92 -14.66 8.42 -2.45
CA GLU B 92 -14.83 7.11 -1.83
C GLU B 92 -15.07 7.17 -0.32
N TYR B 93 -14.69 8.26 0.35
CA TYR B 93 -14.98 8.36 1.78
C TYR B 93 -16.47 8.50 2.05
N TYR B 94 -17.24 8.94 1.06
CA TYR B 94 -18.69 9.04 1.18
C TYR B 94 -19.29 7.90 0.36
N ARG B 95 -19.29 6.71 0.97
CA ARG B 95 -20.01 5.56 0.41
C ARG B 95 -21.50 5.85 0.51
N GLU B 96 -22.06 5.68 1.70
CA GLU B 96 -23.47 5.97 1.93
C GLU B 96 -23.65 7.40 2.46
N THR B 97 -23.18 8.36 1.66
CA THR B 97 -23.29 9.77 2.02
C THR B 97 -23.13 10.65 0.78
N LYS B 104 -18.21 19.21 -0.44
CA LYS B 104 -17.47 19.06 -1.70
C LYS B 104 -16.40 17.98 -1.61
N CYS B 105 -16.44 17.01 -2.52
CA CYS B 105 -15.38 16.01 -2.63
C CYS B 105 -14.29 16.50 -3.58
N TRP B 106 -13.07 16.05 -3.33
CA TRP B 106 -11.91 16.38 -4.14
C TRP B 106 -11.53 15.15 -4.98
N THR B 107 -11.35 15.35 -6.28
CA THR B 107 -10.85 14.29 -7.13
C THR B 107 -9.33 14.35 -7.16
N TRP B 108 -8.70 13.30 -7.67
CA TRP B 108 -7.26 13.33 -7.79
C TRP B 108 -6.80 14.37 -8.80
N ASP B 109 -7.66 14.72 -9.76
CA ASP B 109 -7.43 15.85 -10.65
C ASP B 109 -7.20 17.13 -9.86
N ASP B 110 -8.12 17.42 -8.93
CA ASP B 110 -7.99 18.59 -8.07
C ASP B 110 -6.72 18.52 -7.24
N ILE B 111 -6.49 17.37 -6.58
CA ILE B 111 -5.39 17.26 -5.63
C ILE B 111 -4.07 17.45 -6.34
N MET B 112 -3.90 16.77 -7.47
CA MET B 112 -2.69 16.87 -8.28
C MET B 112 -2.38 18.30 -8.72
N LYS B 113 -3.37 19.19 -8.76
CA LYS B 113 -3.13 20.56 -9.20
C LYS B 113 -2.78 21.49 -8.06
N LEU B 114 -2.68 20.98 -6.84
CA LEU B 114 -2.26 21.79 -5.70
C LEU B 114 -0.76 22.09 -5.79
N GLU B 115 -0.37 23.29 -5.42
CA GLU B 115 1.04 23.68 -5.55
C GLU B 115 1.81 23.34 -4.28
N ILE B 116 1.78 22.05 -3.89
CA ILE B 116 2.34 21.67 -2.59
C ILE B 116 3.84 21.96 -2.52
N ASP B 117 4.54 21.87 -3.64
CA ASP B 117 5.98 22.11 -3.63
C ASP B 117 6.33 23.56 -3.34
N GLU B 118 5.36 24.48 -3.45
CA GLU B 118 5.60 25.89 -3.21
C GLU B 118 5.67 26.24 -1.74
N ILE B 119 5.22 25.34 -0.87
CA ILE B 119 5.19 25.60 0.57
C ILE B 119 6.00 24.59 1.36
N ALA B 120 6.60 23.60 0.70
CA ALA B 120 7.41 22.61 1.39
C ALA B 120 8.84 23.13 1.54
N ALA B 121 9.40 22.92 2.73
CA ALA B 121 10.79 23.26 2.94
C ALA B 121 11.67 22.34 2.08
N PRO B 122 12.85 22.83 1.66
CA PRO B 122 13.72 22.01 0.78
C PRO B 122 13.99 20.62 1.32
N ARG B 123 14.23 20.49 2.62
CA ARG B 123 14.14 19.23 3.31
C ARG B 123 12.82 19.22 4.06
N SER B 124 11.94 18.29 3.72
CA SER B 124 10.63 18.21 4.35
C SER B 124 10.00 16.86 4.07
N PHE B 125 8.83 16.64 4.66
CA PHE B 125 8.13 15.36 4.60
C PHE B 125 6.66 15.59 4.33
N ILE B 126 6.05 14.62 3.68
CA ILE B 126 4.62 14.66 3.42
C ILE B 126 4.02 13.34 3.84
N PHE B 127 2.79 13.41 4.36
CA PHE B 127 1.96 12.24 4.68
C PHE B 127 0.65 12.46 3.95
N LEU B 128 0.36 11.61 2.97
CA LEU B 128 -0.78 11.80 2.09
C LEU B 128 -1.72 10.62 2.26
N TRP B 129 -2.94 10.89 2.74
CA TRP B 129 -3.99 9.88 2.80
C TRP B 129 -4.51 9.63 1.41
N CYS B 130 -4.41 8.38 0.96
CA CYS B 130 -4.71 7.99 -0.41
C CYS B 130 -5.90 7.08 -0.54
N GLY B 131 -6.50 6.65 0.56
CA GLY B 131 -7.66 5.79 0.48
C GLY B 131 -7.25 4.38 0.16
N SER B 132 -8.02 3.71 -0.70
CA SER B 132 -7.73 2.33 -1.06
C SER B 132 -8.00 2.03 -2.52
N GLY B 133 -8.28 3.04 -3.35
CA GLY B 133 -8.55 2.80 -4.75
C GLY B 133 -7.47 3.36 -5.64
N GLU B 134 -7.87 4.06 -6.70
CA GLU B 134 -6.94 4.70 -7.63
C GLU B 134 -5.98 5.65 -6.93
N GLY B 135 -6.35 6.16 -5.75
CA GLY B 135 -5.44 7.03 -5.00
C GLY B 135 -4.10 6.38 -4.70
N LEU B 136 -4.04 5.05 -4.61
CA LEU B 136 -2.76 4.42 -4.34
C LEU B 136 -1.77 4.64 -5.46
N ASP B 137 -2.24 4.88 -6.67
CA ASP B 137 -1.41 5.19 -7.83
C ASP B 137 -1.31 6.69 -8.06
N LEU B 138 -2.45 7.39 -8.04
CA LEU B 138 -2.45 8.82 -8.28
C LEU B 138 -1.76 9.58 -7.16
N GLY B 139 -1.83 9.09 -5.92
CA GLY B 139 -1.08 9.72 -4.85
C GLY B 139 0.41 9.58 -5.03
N ARG B 140 0.86 8.46 -5.61
CA ARG B 140 2.28 8.35 -5.92
C ARG B 140 2.69 9.35 -7.00
N VAL B 141 1.82 9.55 -8.01
CA VAL B 141 2.07 10.57 -9.03
C VAL B 141 2.20 11.94 -8.38
N CYS B 142 1.28 12.27 -7.46
CA CYS B 142 1.32 13.54 -6.75
C CYS B 142 2.64 13.73 -6.03
N LEU B 143 3.05 12.73 -5.26
CA LEU B 143 4.30 12.83 -4.51
C LEU B 143 5.45 13.18 -5.43
N ARG B 144 5.55 12.47 -6.56
CA ARG B 144 6.64 12.71 -7.51
C ARG B 144 6.50 14.07 -8.14
N LYS B 145 5.26 14.48 -8.42
CA LYS B 145 5.04 15.79 -9.04
C LYS B 145 5.53 16.91 -8.12
N TRP B 146 5.30 16.77 -6.81
CA TRP B 146 5.71 17.76 -5.83
C TRP B 146 7.15 17.62 -5.38
N GLY B 147 7.89 16.63 -5.90
CA GLY B 147 9.30 16.51 -5.59
C GLY B 147 9.68 15.53 -4.51
N TYR B 148 8.75 14.68 -4.05
CA TYR B 148 9.08 13.74 -2.99
C TYR B 148 9.34 12.35 -3.57
N ARG B 149 10.05 11.55 -2.79
CA ARG B 149 10.09 10.11 -3.01
C ARG B 149 9.41 9.41 -1.83
N ARG B 150 8.69 8.32 -2.12
CA ARG B 150 8.00 7.59 -1.06
C ARG B 150 8.99 6.74 -0.29
N CYS B 151 8.99 6.90 1.04
CA CYS B 151 9.84 6.07 1.90
C CYS B 151 9.05 5.10 2.78
N GLU B 152 7.77 5.34 3.02
CA GLU B 152 6.96 4.41 3.80
C GLU B 152 5.54 4.38 3.25
N ASP B 153 4.88 3.26 3.47
CA ASP B 153 3.48 3.06 3.13
C ASP B 153 2.84 2.65 4.45
N ILE B 154 2.07 3.55 5.05
CA ILE B 154 1.45 3.31 6.34
C ILE B 154 0.01 2.85 6.10
N CYS B 155 -0.34 1.65 6.57
CA CYS B 155 -1.65 1.10 6.31
C CYS B 155 -2.54 1.19 7.54
N TRP B 156 -3.70 1.78 7.36
CA TRP B 156 -4.72 1.84 8.40
C TRP B 156 -5.65 0.66 8.14
N ILE B 157 -5.46 -0.39 8.92
CA ILE B 157 -6.22 -1.61 8.81
C ILE B 157 -7.44 -1.51 9.72
N LYS B 158 -8.63 -1.74 9.17
CA LYS B 158 -9.87 -1.52 9.89
C LYS B 158 -10.49 -2.85 10.29
N THR B 159 -10.60 -3.07 11.61
CA THR B 159 -11.31 -4.23 12.14
C THR B 159 -12.82 -4.02 12.06
N ASN B 160 -13.57 -5.14 12.04
CA ASN B 160 -15.03 -5.08 12.09
C ASN B 160 -15.57 -5.95 13.23
N LYS B 161 -14.92 -5.89 14.40
CA LYS B 161 -15.30 -6.74 15.53
C LYS B 161 -16.73 -6.49 15.95
N ASN B 162 -17.18 -5.24 15.86
CA ASN B 162 -18.53 -4.85 16.26
C ASN B 162 -19.53 -4.99 15.14
N ASN B 163 -19.14 -5.50 14.00
CA ASN B 163 -20.10 -5.68 12.92
C ASN B 163 -19.66 -6.75 11.93
N PRO B 164 -19.40 -7.99 12.38
CA PRO B 164 -19.05 -9.04 11.41
C PRO B 164 -20.06 -9.18 10.29
N GLY B 165 -21.34 -9.05 10.62
CA GLY B 165 -22.39 -9.14 9.62
C GLY B 165 -22.73 -7.80 9.00
N LYS B 166 -21.80 -7.25 8.22
CA LYS B 166 -22.04 -6.03 7.45
C LYS B 166 -21.18 -6.12 6.19
N THR B 167 -21.76 -6.70 5.14
CA THR B 167 -21.05 -6.85 3.88
C THR B 167 -20.73 -5.47 3.28
N LYS B 168 -19.69 -5.44 2.45
CA LYS B 168 -19.19 -4.20 1.87
C LYS B 168 -19.65 -4.08 0.42
N THR B 169 -20.20 -2.90 0.07
CA THR B 169 -20.59 -2.61 -1.32
C THR B 169 -19.34 -2.24 -2.13
N LEU B 170 -18.95 -3.11 -3.05
CA LEU B 170 -17.64 -3.02 -3.69
C LEU B 170 -17.60 -1.95 -4.78
N ASP B 171 -16.46 -1.28 -4.87
CA ASP B 171 -16.11 -0.54 -6.09
C ASP B 171 -16.24 -1.47 -7.29
N PRO B 172 -16.73 -0.97 -8.44
CA PRO B 172 -16.88 -1.84 -9.62
C PRO B 172 -15.62 -2.61 -9.99
N LYS B 173 -14.45 -1.96 -9.93
CA LYS B 173 -13.19 -2.57 -10.31
C LYS B 173 -12.58 -3.44 -9.24
N ALA B 174 -13.08 -3.38 -8.01
CA ALA B 174 -12.44 -4.10 -6.91
C ALA B 174 -12.56 -5.60 -7.11
N VAL B 175 -11.54 -6.31 -6.63
CA VAL B 175 -11.47 -7.76 -6.70
C VAL B 175 -11.80 -8.26 -5.31
N PHE B 176 -11.41 -7.48 -4.31
CA PHE B 176 -11.54 -7.89 -2.93
C PHE B 176 -12.29 -6.82 -2.15
N GLN B 177 -12.87 -7.25 -1.03
CA GLN B 177 -13.44 -6.32 -0.09
C GLN B 177 -12.33 -5.46 0.49
N ARG B 178 -12.49 -4.15 0.42
CA ARG B 178 -11.46 -3.21 0.84
C ARG B 178 -11.65 -2.86 2.31
N THR B 179 -10.66 -3.19 3.14
CA THR B 179 -10.77 -3.02 4.60
C THR B 179 -9.63 -2.19 5.18
N LYS B 180 -8.94 -1.42 4.36
CA LYS B 180 -7.85 -0.60 4.86
C LYS B 180 -7.76 0.68 4.03
N GLU B 181 -6.96 1.63 4.51
CA GLU B 181 -6.59 2.83 3.78
C GLU B 181 -5.08 3.02 3.90
N HIS B 182 -4.47 3.69 2.93
CA HIS B 182 -3.02 3.91 2.92
C HIS B 182 -2.69 5.38 3.10
N CYS B 183 -1.73 5.66 3.98
CA CYS B 183 -1.16 7.00 4.13
C CYS B 183 0.29 6.92 3.65
N LEU B 184 0.60 7.58 2.55
CA LEU B 184 1.94 7.48 1.98
C LEU B 184 2.84 8.55 2.59
N MET B 185 4.03 8.15 3.01
CA MET B 185 5.02 9.05 3.54
C MET B 185 6.05 9.36 2.45
N GLY B 186 6.29 10.65 2.22
CA GLY B 186 7.24 11.09 1.22
C GLY B 186 8.29 11.99 1.83
N ILE B 187 9.48 11.98 1.24
CA ILE B 187 10.62 12.77 1.70
C ILE B 187 11.18 13.55 0.52
N LYS B 188 11.61 14.78 0.79
CA LYS B 188 12.38 15.54 -0.19
C LYS B 188 13.59 16.14 0.50
N GLY B 189 14.72 16.16 -0.19
CA GLY B 189 15.93 16.68 0.39
C GLY B 189 16.79 15.58 0.97
N THR B 190 17.88 15.99 1.62
CA THR B 190 18.83 15.05 2.22
C THR B 190 18.25 14.37 3.46
N VAL B 204 10.85 3.49 16.40
CA VAL B 204 9.99 2.95 17.46
C VAL B 204 8.62 2.46 16.96
N ASP B 205 8.15 2.98 15.83
CA ASP B 205 6.79 2.71 15.36
C ASP B 205 6.80 1.73 14.18
N ILE B 206 5.63 1.12 13.96
CA ILE B 206 5.41 0.19 12.86
C ILE B 206 4.59 0.90 11.80
N ASP B 207 4.63 0.39 10.57
CA ASP B 207 3.88 1.00 9.48
C ASP B 207 2.44 0.50 9.39
N LEU B 208 1.83 0.19 10.53
CA LEU B 208 0.45 -0.27 10.62
C LEU B 208 -0.29 0.49 11.72
N ILE B 209 -1.53 0.85 11.44
CA ILE B 209 -2.48 1.36 12.44
C ILE B 209 -3.72 0.46 12.41
N ILE B 210 -4.14 -0.04 13.57
CA ILE B 210 -5.27 -0.95 13.64
C ILE B 210 -6.32 -0.36 14.56
N THR B 211 -7.49 -0.05 14.01
CA THR B 211 -8.63 0.39 14.79
C THR B 211 -9.90 -0.18 14.16
N GLU B 212 -11.00 -0.04 14.91
CA GLU B 212 -12.28 -0.48 14.39
C GLU B 212 -12.77 0.49 13.31
N GLU B 213 -13.45 -0.07 12.33
CA GLU B 213 -14.01 0.71 11.25
C GLU B 213 -15.02 1.71 11.79
N PRO B 214 -14.81 3.00 11.62
CA PRO B 214 -15.76 3.99 12.17
C PRO B 214 -17.12 3.88 11.51
N GLU B 215 -18.10 4.48 12.16
CA GLU B 215 -19.48 4.41 11.70
C GLU B 215 -19.62 5.09 10.34
N ILE B 216 -20.61 4.65 9.56
CA ILE B 216 -20.82 5.21 8.23
C ILE B 216 -20.93 6.73 8.32
N GLY B 217 -20.38 7.41 7.32
CA GLY B 217 -20.38 8.87 7.29
C GLY B 217 -19.37 9.53 8.21
N ASN B 218 -18.58 8.76 8.96
CA ASN B 218 -17.49 9.30 9.76
C ASN B 218 -16.21 9.19 8.93
N ILE B 219 -15.66 10.34 8.54
CA ILE B 219 -14.50 10.38 7.65
C ILE B 219 -13.20 10.55 8.40
N GLU B 220 -13.22 10.53 9.74
CA GLU B 220 -12.02 10.86 10.49
C GLU B 220 -10.96 9.78 10.33
N LYS B 221 -9.72 10.19 10.25
CA LYS B 221 -8.63 9.23 10.21
C LYS B 221 -8.10 9.01 11.62
N PRO B 222 -7.53 7.84 11.92
CA PRO B 222 -7.07 7.59 13.30
C PRO B 222 -6.02 8.61 13.76
N VAL B 223 -6.22 9.15 14.97
CA VAL B 223 -5.30 10.10 15.57
C VAL B 223 -3.90 9.53 15.72
N GLU B 224 -3.76 8.20 15.71
CA GLU B 224 -2.44 7.59 15.80
C GLU B 224 -1.50 8.08 14.71
N ILE B 225 -2.02 8.48 13.55
CA ILE B 225 -1.14 9.00 12.51
C ILE B 225 -0.36 10.21 13.04
N PHE B 226 -0.94 10.99 13.95
CA PHE B 226 -0.21 12.13 14.50
C PHE B 226 0.91 11.67 15.40
N HIS B 227 0.70 10.58 16.15
CA HIS B 227 1.74 10.10 17.03
C HIS B 227 2.92 9.60 16.22
N ILE B 228 2.65 8.85 15.16
CA ILE B 228 3.73 8.36 14.31
C ILE B 228 4.52 9.54 13.72
N ILE B 229 3.81 10.53 13.18
CA ILE B 229 4.50 11.67 12.58
C ILE B 229 5.33 12.40 13.61
N GLU B 230 4.74 12.69 14.77
CA GLU B 230 5.47 13.46 15.79
C GLU B 230 6.66 12.69 16.35
N HIS B 231 6.57 11.36 16.44
CA HIS B 231 7.70 10.57 16.91
C HIS B 231 8.91 10.62 15.97
N PHE B 232 8.72 10.96 14.70
CA PHE B 232 9.86 11.04 13.79
C PHE B 232 10.78 12.22 14.11
N CYS B 233 10.32 13.21 14.86
CA CYS B 233 11.13 14.38 15.23
C CYS B 233 11.66 15.10 13.98
N LEU B 234 10.74 15.44 13.07
CA LEU B 234 11.06 15.95 11.74
C LEU B 234 11.18 17.46 11.65
N GLY B 235 10.92 18.19 12.73
CA GLY B 235 10.82 19.64 12.63
C GLY B 235 9.49 20.14 13.12
N ARG B 236 9.40 21.42 13.44
CA ARG B 236 8.26 21.93 14.18
C ARG B 236 7.23 22.65 13.31
N ARG B 237 7.55 22.93 12.04
CA ARG B 237 6.60 23.60 11.16
C ARG B 237 5.77 22.49 10.51
N ARG B 238 4.56 22.28 11.03
CA ARG B 238 3.73 21.15 10.67
C ARG B 238 2.39 21.69 10.21
N LEU B 239 1.99 21.30 9.01
CA LEU B 239 0.81 21.81 8.33
C LEU B 239 -0.13 20.65 8.04
N HIS B 240 -1.41 20.80 8.41
CA HIS B 240 -2.43 19.79 8.13
C HIS B 240 -3.45 20.41 7.18
N LEU B 241 -3.39 20.02 5.92
CA LEU B 241 -4.31 20.51 4.92
C LEU B 241 -5.55 19.65 4.90
N PHE B 242 -6.71 20.30 4.87
CA PHE B 242 -8.02 19.68 4.97
C PHE B 242 -8.29 19.12 6.37
N GLY B 243 -7.64 19.66 7.38
CA GLY B 243 -8.06 19.42 8.75
C GLY B 243 -9.44 19.99 9.04
N ARG B 244 -9.90 19.73 10.26
CA ARG B 244 -11.23 20.16 10.68
C ARG B 244 -11.13 20.68 12.12
N ASP B 245 -12.21 21.30 12.60
CA ASP B 245 -12.27 21.68 14.01
C ASP B 245 -11.83 20.53 14.90
N SER B 246 -12.26 19.30 14.56
CA SER B 246 -11.99 18.11 15.35
C SER B 246 -10.55 17.62 15.26
N THR B 247 -9.73 18.13 14.34
CA THR B 247 -8.36 17.64 14.27
C THR B 247 -7.33 18.65 14.77
N ILE B 248 -7.75 19.87 15.10
CA ILE B 248 -6.82 20.87 15.61
C ILE B 248 -6.06 20.33 16.81
N ARG B 249 -4.77 20.65 16.86
CA ARG B 249 -3.85 19.92 17.71
C ARG B 249 -2.65 20.80 18.02
N PRO B 250 -2.12 20.77 19.25
CA PRO B 250 -0.92 21.56 19.52
C PRO B 250 0.21 21.11 18.62
N GLY B 251 1.06 22.06 18.25
CA GLY B 251 2.17 21.74 17.37
C GLY B 251 1.80 21.67 15.90
N TRP B 252 0.58 22.05 15.52
CA TRP B 252 0.13 21.94 14.16
C TRP B 252 -0.58 23.20 13.70
N LEU B 253 -0.40 23.52 12.41
CA LEU B 253 -1.20 24.51 11.72
C LEU B 253 -2.20 23.79 10.83
N THR B 254 -3.48 23.97 11.11
CA THR B 254 -4.58 23.30 10.43
C THR B 254 -5.28 24.25 9.48
N VAL B 255 -5.46 23.84 8.22
CA VAL B 255 -6.09 24.67 7.19
C VAL B 255 -7.14 23.84 6.47
N GLY B 256 -8.36 24.35 6.40
CA GLY B 256 -9.41 23.58 5.79
C GLY B 256 -10.64 24.42 5.59
N PRO B 257 -11.52 23.96 4.69
CA PRO B 257 -12.73 24.73 4.38
C PRO B 257 -13.80 24.66 5.45
N THR B 258 -13.85 23.61 6.27
CA THR B 258 -14.95 23.54 7.23
C THR B 258 -14.61 24.12 8.61
N LEU B 259 -13.40 24.64 8.81
CA LEU B 259 -13.07 25.25 10.08
C LEU B 259 -14.06 26.37 10.37
N THR B 260 -14.47 26.48 11.63
CA THR B 260 -15.46 27.49 11.99
C THR B 260 -14.82 28.75 12.54
N ASN B 261 -13.55 28.68 12.94
CA ASN B 261 -12.82 29.82 13.47
C ASN B 261 -11.41 29.80 12.92
N SER B 262 -10.78 30.97 12.91
CA SER B 262 -9.37 31.06 12.55
C SER B 262 -8.62 31.86 13.60
N ASN B 263 -7.33 31.53 13.74
CA ASN B 263 -6.44 32.36 14.53
C ASN B 263 -5.09 32.56 13.84
N TYR B 264 -4.97 32.13 12.58
CA TYR B 264 -3.68 32.12 11.88
C TYR B 264 -3.21 33.55 11.62
N ASN B 265 -1.96 33.84 11.97
CA ASN B 265 -1.30 35.07 11.57
C ASN B 265 0.10 34.71 11.13
N ALA B 266 0.46 35.07 9.89
CA ALA B 266 1.71 34.60 9.32
C ALA B 266 2.90 35.07 10.15
N GLU B 267 2.89 36.32 10.60
CA GLU B 267 4.02 36.82 11.38
C GLU B 267 4.04 36.21 12.77
N THR B 268 2.89 36.09 13.42
CA THR B 268 2.83 35.36 14.68
C THR B 268 3.34 33.94 14.51
N TYR B 269 2.89 33.25 13.46
CA TYR B 269 3.31 31.87 13.27
C TYR B 269 4.82 31.79 13.07
N ALA B 270 5.36 32.66 12.22
CA ALA B 270 6.80 32.64 11.97
C ALA B 270 7.58 32.93 13.25
N SER B 271 7.03 33.76 14.14
CA SER B 271 7.76 34.08 15.37
C SER B 271 7.98 32.86 16.26
N TYR B 272 7.21 31.78 16.10
CA TYR B 272 7.51 30.57 16.89
C TYR B 272 8.79 29.89 16.46
N PHE B 273 9.29 30.18 15.26
CA PHE B 273 10.43 29.46 14.69
C PHE B 273 11.63 30.38 14.48
N SER B 274 11.54 31.62 14.90
CA SER B 274 12.68 32.51 14.72
C SER B 274 13.76 32.14 15.74
N ALA B 275 14.99 32.54 15.43
CA ALA B 275 16.16 32.22 16.25
C ALA B 275 15.89 32.55 17.72
N PRO B 276 16.38 31.72 18.65
CA PRO B 276 17.27 30.57 18.44
C PRO B 276 16.58 29.26 18.05
N ASN B 277 15.34 29.30 17.58
CA ASN B 277 14.48 28.13 17.50
C ASN B 277 14.32 27.58 16.09
N SER B 278 15.12 28.04 15.13
CA SER B 278 14.83 27.83 13.71
C SER B 278 14.93 26.36 13.29
N TYR B 279 15.73 25.55 13.99
CA TYR B 279 16.09 24.22 13.48
C TYR B 279 15.76 23.10 14.45
N LEU B 280 14.95 23.36 15.47
CA LEU B 280 14.62 22.33 16.44
C LEU B 280 13.89 21.17 15.77
N THR B 281 14.08 19.96 16.31
CA THR B 281 13.41 18.79 15.78
C THR B 281 11.97 18.66 16.27
N GLY B 282 11.62 19.31 17.38
CA GLY B 282 10.39 18.99 18.07
C GLY B 282 10.56 17.94 19.15
N CYS B 283 11.77 17.41 19.33
CA CYS B 283 12.03 16.35 20.29
C CYS B 283 13.14 16.69 21.28
N THR B 284 13.49 17.96 21.41
CA THR B 284 14.47 18.39 22.39
C THR B 284 13.86 19.44 23.32
N GLU B 285 14.63 19.84 24.32
CA GLU B 285 14.15 20.85 25.26
C GLU B 285 14.15 22.22 24.58
N GLU B 286 13.24 23.09 25.04
CA GLU B 286 13.23 24.48 24.57
C GLU B 286 14.49 25.20 25.05
N ILE B 287 15.04 26.04 24.17
CA ILE B 287 16.25 26.79 24.52
C ILE B 287 15.91 27.87 25.53
N GLU B 288 16.63 27.89 26.65
CA GLU B 288 16.33 28.78 27.79
C GLU B 288 16.24 30.26 27.41
#